data_4X3M
#
_entry.id   4X3M
#
_cell.length_a   54.624
_cell.length_b   55.290
_cell.length_c   159.834
_cell.angle_alpha   90.000
_cell.angle_beta   90.000
_cell.angle_gamma   90.000
#
_symmetry.space_group_name_H-M   'P 21 21 21'
#
loop_
_entity.id
_entity.type
_entity.pdbx_description
1 polymer "RNA 2'-O ribose methyltransferase"
2 non-polymer ADENOSINE
3 non-polymer 'PHOSPHATE ION'
4 non-polymer 'POTASSIUM ION'
5 water water
#
_entity_poly.entity_id   1
_entity_poly.type   'polypeptide(L)'
_entity_poly.pdbx_seq_one_letter_code
;MRIESPQNPRVKALAALKERKERERTGRFLVEGRREVERALEAGLSLETLLLGPKARPEDRALAGGAEVLELSERALARV
STRENPAQVLGVFRLPRRSLAGVTLGAAPLVLVLLGLEKPGNLGAILRAADGAGADLVLVAEGVDLFSPQVIRNSTGAVF
ALPVYPVAEGEAARFLEEHNLPLVAATPEGERLYWEGDYRGGVAFLLGAEDKGLPEAWKRRAQVRVRIPMRGRADSLNVA
VTAALLLYEALRQRSGGAPL
;
_entity_poly.pdbx_strand_id   A,B
#
loop_
_chem_comp.id
_chem_comp.type
_chem_comp.name
_chem_comp.formula
ADN non-polymer ADENOSINE 'C10 H13 N5 O4'
K non-polymer 'POTASSIUM ION' 'K 1'
PO4 non-polymer 'PHOSPHATE ION' 'O4 P -3'
#
# COMPACT_ATOMS: atom_id res chain seq x y z
N MET A 1 -14.80 36.24 3.13
CA MET A 1 -15.03 36.68 1.76
C MET A 1 -14.76 35.55 0.78
N ARG A 2 -15.05 35.79 -0.51
CA ARG A 2 -14.76 34.82 -1.55
C ARG A 2 -13.67 35.33 -2.49
N ILE A 3 -12.68 34.50 -2.74
CA ILE A 3 -11.60 34.85 -3.66
C ILE A 3 -11.78 34.14 -5.00
N GLU A 4 -11.71 34.88 -6.10
CA GLU A 4 -11.95 34.32 -7.43
C GLU A 4 -10.69 33.94 -8.18
N SER A 5 -9.73 34.85 -8.27
CA SER A 5 -8.57 34.62 -9.14
C SER A 5 -7.46 33.81 -8.48
N PRO A 6 -6.88 32.87 -9.23
CA PRO A 6 -5.78 32.04 -8.74
C PRO A 6 -4.51 32.87 -8.58
N GLN A 7 -4.53 34.08 -9.13
CA GLN A 7 -3.40 34.99 -9.02
C GLN A 7 -3.57 35.98 -7.87
N ASN A 8 -4.66 35.86 -7.12
CA ASN A 8 -4.83 36.69 -5.92
C ASN A 8 -3.66 36.44 -4.96
N PRO A 9 -3.14 37.49 -4.32
CA PRO A 9 -1.97 37.36 -3.44
C PRO A 9 -2.16 36.31 -2.33
N ARG A 10 -3.35 36.28 -1.72
CA ARG A 10 -3.66 35.28 -0.69
C ARG A 10 -3.51 33.85 -1.22
N VAL A 11 -4.02 33.64 -2.43
CA VAL A 11 -3.96 32.33 -3.07
C VAL A 11 -2.51 31.92 -3.32
N LYS A 12 -1.69 32.85 -3.80
CA LYS A 12 -0.28 32.54 -4.06
C LYS A 12 0.44 32.15 -2.76
N ALA A 13 0.12 32.85 -1.67
CA ALA A 13 0.73 32.57 -0.38
C ALA A 13 0.28 31.21 0.13
N LEU A 14 -0.99 30.89 -0.07
CA LEU A 14 -1.52 29.58 0.33
C LEU A 14 -0.86 28.47 -0.49
N ALA A 15 -0.70 28.70 -1.80
CA ALA A 15 -0.10 27.71 -2.67
C ALA A 15 1.39 27.52 -2.35
N ALA A 16 2.00 28.56 -1.78
CA ALA A 16 3.42 28.53 -1.45
C ALA A 16 3.71 27.56 -0.29
N LEU A 17 2.67 27.25 0.49
CA LEU A 17 2.80 26.31 1.60
C LEU A 17 3.01 24.86 1.13
N LYS A 18 3.01 24.66 -0.19
CA LYS A 18 3.34 23.34 -0.74
C LYS A 18 4.80 22.96 -0.49
N GLU A 19 5.67 23.96 -0.30
CA GLU A 19 7.08 23.70 -0.02
C GLU A 19 7.37 23.69 1.48
N ARG A 20 8.15 22.71 1.90
CA ARG A 20 8.59 22.61 3.29
C ARG A 20 9.30 23.89 3.74
N LYS A 21 10.09 24.46 2.83
CA LYS A 21 10.82 25.70 3.08
C LYS A 21 9.89 26.81 3.56
N GLU A 22 8.75 26.96 2.90
CA GLU A 22 7.79 28.00 3.24
C GLU A 22 7.01 27.66 4.50
N ARG A 23 6.72 26.38 4.71
CA ARG A 23 6.08 25.96 5.95
C ARG A 23 6.94 26.35 7.15
N GLU A 24 8.24 26.02 7.07
CA GLU A 24 9.19 26.37 8.13
C GLU A 24 9.30 27.87 8.32
N ARG A 25 9.34 28.61 7.21
CA ARG A 25 9.48 30.06 7.27
C ARG A 25 8.28 30.70 7.95
N THR A 26 7.08 30.20 7.67
CA THR A 26 5.86 30.83 8.15
C THR A 26 5.33 30.19 9.44
N GLY A 27 5.80 28.98 9.74
CA GLY A 27 5.25 28.23 10.85
C GLY A 27 3.82 27.79 10.59
N ARG A 28 3.47 27.60 9.32
CA ARG A 28 2.13 27.20 8.92
C ARG A 28 2.19 25.97 8.02
N PHE A 29 1.10 25.20 7.98
CA PHE A 29 0.99 24.13 6.97
C PHE A 29 -0.46 23.91 6.60
N LEU A 30 -0.66 23.37 5.39
CA LEU A 30 -2.00 23.14 4.88
C LEU A 30 -2.43 21.70 5.10
N VAL A 31 -3.67 21.53 5.56
CA VAL A 31 -4.28 20.22 5.75
C VAL A 31 -5.48 20.14 4.84
N GLU A 32 -5.43 19.25 3.84
CA GLU A 32 -6.50 19.16 2.87
C GLU A 32 -7.42 17.98 3.17
N GLY A 33 -8.72 18.21 3.09
CA GLY A 33 -9.71 17.17 3.31
C GLY A 33 -10.50 17.39 4.59
N ARG A 34 -11.82 17.27 4.48
CA ARG A 34 -12.70 17.44 5.62
C ARG A 34 -12.32 16.55 6.80
N ARG A 35 -12.03 15.30 6.51
CA ARG A 35 -11.67 14.34 7.55
C ARG A 35 -10.38 14.74 8.24
N GLU A 36 -9.38 15.06 7.42
CA GLU A 36 -8.05 15.37 7.92
C GLU A 36 -8.03 16.67 8.76
N VAL A 37 -8.83 17.64 8.37
CA VAL A 37 -8.94 18.89 9.12
C VAL A 37 -9.55 18.64 10.49
N GLU A 38 -10.62 17.85 10.52
CA GLU A 38 -11.28 17.50 11.77
C GLU A 38 -10.33 16.80 12.74
N ARG A 39 -9.52 15.91 12.20
CA ARG A 39 -8.62 15.12 13.03
C ARG A 39 -7.41 15.94 13.49
N ALA A 40 -7.01 16.92 12.67
CA ALA A 40 -6.01 17.87 13.10
C ALA A 40 -6.55 18.71 14.26
N LEU A 41 -7.81 19.12 14.16
CA LEU A 41 -8.45 19.87 15.23
C LEU A 41 -8.54 19.04 16.51
N GLU A 42 -8.94 17.78 16.37
CA GLU A 42 -9.03 16.88 17.51
C GLU A 42 -7.69 16.75 18.22
N ALA A 43 -6.62 16.75 17.44
CA ALA A 43 -5.27 16.61 17.96
C ALA A 43 -4.79 17.86 18.70
N GLY A 44 -5.57 18.93 18.64
CA GLY A 44 -5.21 20.16 19.35
C GLY A 44 -4.37 21.14 18.54
N LEU A 45 -4.21 20.87 17.25
CA LEU A 45 -3.50 21.78 16.37
C LEU A 45 -4.32 23.06 16.19
N SER A 46 -3.63 24.18 16.08
CA SER A 46 -4.29 25.48 16.04
C SER A 46 -4.67 25.86 14.60
N LEU A 47 -5.97 25.99 14.36
CA LEU A 47 -6.44 26.38 13.03
C LEU A 47 -6.42 27.90 12.89
N GLU A 48 -5.69 28.39 11.89
CA GLU A 48 -5.64 29.82 11.64
C GLU A 48 -6.69 30.23 10.59
N THR A 49 -6.85 29.43 9.55
CA THR A 49 -7.79 29.77 8.48
C THR A 49 -8.46 28.54 7.88
N LEU A 50 -9.79 28.55 7.84
CA LEU A 50 -10.54 27.50 7.16
C LEU A 50 -10.76 27.89 5.71
N LEU A 51 -10.41 27.01 4.77
CA LEU A 51 -10.63 27.26 3.34
C LEU A 51 -11.82 26.44 2.84
N LEU A 52 -12.79 27.11 2.23
CA LEU A 52 -13.96 26.42 1.70
C LEU A 52 -14.09 26.57 0.19
N GLY A 53 -14.18 25.43 -0.50
CA GLY A 53 -14.36 25.45 -1.94
C GLY A 53 -15.82 25.70 -2.29
N PRO A 54 -16.11 25.90 -3.59
CA PRO A 54 -17.45 26.24 -4.07
C PRO A 54 -18.47 25.16 -3.75
N LYS A 55 -18.00 23.92 -3.61
CA LYS A 55 -18.90 22.80 -3.37
C LYS A 55 -18.79 22.28 -1.95
N ALA A 56 -18.32 23.14 -1.04
CA ALA A 56 -18.29 22.83 0.37
C ALA A 56 -19.70 22.70 0.91
N ARG A 57 -19.87 22.01 2.03
CA ARG A 57 -21.17 21.87 2.67
C ARG A 57 -21.36 22.97 3.71
N PRO A 58 -22.62 23.39 3.94
CA PRO A 58 -22.88 24.34 5.03
C PRO A 58 -22.38 23.80 6.38
N GLU A 59 -22.43 22.49 6.54
CA GLU A 59 -22.00 21.84 7.78
C GLU A 59 -20.49 21.93 7.97
N ASP A 60 -19.77 22.28 6.91
CA ASP A 60 -18.31 22.39 6.96
C ASP A 60 -17.86 23.67 7.67
N ARG A 61 -18.72 24.68 7.68
CA ARG A 61 -18.36 25.98 8.24
C ARG A 61 -18.16 25.90 9.74
N ALA A 62 -18.80 24.92 10.37
CA ALA A 62 -18.73 24.75 11.81
C ALA A 62 -17.33 24.36 12.28
N LEU A 63 -16.49 23.91 11.34
CA LEU A 63 -15.12 23.50 11.67
C LEU A 63 -14.26 24.67 12.11
N ALA A 64 -14.67 25.88 11.72
CA ALA A 64 -13.86 27.08 11.93
C ALA A 64 -13.53 27.36 13.39
N GLY A 65 -14.54 27.22 14.26
CA GLY A 65 -14.37 27.47 15.67
C GLY A 65 -13.62 28.75 16.01
N GLY A 66 -13.98 29.85 15.35
CA GLY A 66 -13.38 31.13 15.64
C GLY A 66 -12.27 31.54 14.69
N ALA A 67 -11.88 30.63 13.80
CA ALA A 67 -10.83 30.94 12.82
C ALA A 67 -11.42 31.73 11.66
N GLU A 68 -10.56 32.44 10.94
CA GLU A 68 -10.94 33.08 9.69
C GLU A 68 -11.48 32.03 8.73
N VAL A 69 -12.59 32.35 8.07
CA VAL A 69 -13.13 31.46 7.05
C VAL A 69 -13.04 32.12 5.68
N LEU A 70 -12.23 31.52 4.81
CA LEU A 70 -12.01 32.08 3.49
C LEU A 70 -12.61 31.15 2.42
N GLU A 71 -13.47 31.70 1.57
CA GLU A 71 -14.05 30.95 0.48
C GLU A 71 -13.24 31.13 -0.81
N LEU A 72 -13.06 30.04 -1.56
CA LEU A 72 -12.30 30.10 -2.80
C LEU A 72 -13.11 29.66 -4.02
N SER A 73 -12.81 30.23 -5.17
CA SER A 73 -13.37 29.75 -6.42
C SER A 73 -12.79 28.37 -6.74
N GLU A 74 -13.43 27.65 -7.67
CA GLU A 74 -12.92 26.37 -8.13
C GLU A 74 -11.51 26.55 -8.67
N ARG A 75 -11.31 27.64 -9.41
CA ARG A 75 -10.00 28.00 -9.95
C ARG A 75 -8.95 28.17 -8.87
N ALA A 76 -9.29 28.99 -7.87
CA ALA A 76 -8.36 29.33 -6.81
C ALA A 76 -8.06 28.09 -5.97
N LEU A 77 -9.10 27.32 -5.68
CA LEU A 77 -8.95 26.07 -4.92
C LEU A 77 -7.97 25.11 -5.58
N ALA A 78 -8.04 25.02 -6.91
CA ALA A 78 -7.21 24.08 -7.65
C ALA A 78 -5.73 24.42 -7.51
N ARG A 79 -5.42 25.70 -7.32
CA ARG A 79 -4.04 26.12 -7.18
C ARG A 79 -3.49 25.84 -5.79
N VAL A 80 -4.36 25.91 -4.79
CA VAL A 80 -3.96 25.65 -3.42
C VAL A 80 -3.86 24.15 -3.16
N SER A 81 -4.70 23.37 -3.82
CA SER A 81 -4.77 21.93 -3.59
C SER A 81 -3.58 21.18 -4.17
N THR A 82 -3.28 20.02 -3.61
CA THR A 82 -2.23 19.15 -4.14
C THR A 82 -2.85 17.96 -4.85
N ARG A 83 -4.17 17.98 -4.97
CA ARG A 83 -4.91 16.88 -5.60
C ARG A 83 -5.40 17.24 -6.99
N GLU A 84 -5.50 16.23 -7.86
CA GLU A 84 -6.14 16.40 -9.15
C GLU A 84 -7.59 16.82 -8.94
N ASN A 85 -8.26 16.13 -8.02
CA ASN A 85 -9.61 16.50 -7.60
C ASN A 85 -9.58 17.07 -6.19
N PRO A 86 -9.53 18.40 -6.07
CA PRO A 86 -9.35 19.10 -4.79
C PRO A 86 -10.47 18.82 -3.78
N ALA A 87 -10.10 18.59 -2.52
CA ALA A 87 -11.09 18.56 -1.47
C ALA A 87 -11.67 19.97 -1.33
N GLN A 88 -12.89 20.06 -0.80
CA GLN A 88 -13.58 21.34 -0.70
C GLN A 88 -13.40 21.98 0.66
N VAL A 89 -12.68 21.28 1.54
CA VAL A 89 -12.40 21.78 2.87
C VAL A 89 -10.91 21.67 3.12
N LEU A 90 -10.30 22.79 3.49
CA LEU A 90 -8.87 22.80 3.79
C LEU A 90 -8.63 23.70 4.99
N GLY A 91 -7.51 23.49 5.66
CA GLY A 91 -7.20 24.26 6.85
C GLY A 91 -5.74 24.65 6.87
N VAL A 92 -5.49 25.91 7.21
CA VAL A 92 -4.15 26.36 7.51
C VAL A 92 -3.92 26.28 9.02
N PHE A 93 -3.01 25.41 9.43
CA PHE A 93 -2.71 25.20 10.84
C PHE A 93 -1.32 25.73 11.17
N ARG A 94 -1.10 26.05 12.44
CA ARG A 94 0.25 26.42 12.89
C ARG A 94 1.05 25.16 13.13
N LEU A 95 2.32 25.18 12.70
CA LEU A 95 3.27 24.11 12.99
C LEU A 95 3.51 24.00 14.49
N PRO A 96 3.35 22.80 15.05
CA PRO A 96 3.58 22.57 16.48
C PRO A 96 5.05 22.30 16.78
N ARG A 97 5.47 22.56 18.01
CA ARG A 97 6.81 22.19 18.44
C ARG A 97 6.74 20.90 19.24
N ARG A 98 7.35 19.84 18.70
CA ARG A 98 7.27 18.53 19.33
C ARG A 98 8.66 18.00 19.71
N SER A 99 8.76 17.43 20.90
CA SER A 99 10.02 16.84 21.36
C SER A 99 9.80 15.45 21.94
N LEU A 100 10.73 14.53 21.68
CA LEU A 100 10.68 13.19 22.23
C LEU A 100 10.93 13.19 23.73
N ALA A 101 11.62 14.23 24.21
CA ALA A 101 11.98 14.34 25.62
C ALA A 101 10.76 14.30 26.54
N GLY A 102 9.64 14.82 26.06
CA GLY A 102 8.42 14.83 26.85
C GLY A 102 7.49 13.67 26.54
N VAL A 103 8.05 12.47 26.43
CA VAL A 103 7.26 11.28 26.11
C VAL A 103 7.47 10.14 27.10
N THR A 104 6.37 9.62 27.62
CA THR A 104 6.40 8.45 28.47
C THR A 104 5.50 7.36 27.91
N LEU A 105 6.01 6.13 27.88
CA LEU A 105 5.28 5.01 27.30
C LEU A 105 4.52 4.20 28.35
N GLY A 106 3.62 3.34 27.89
CA GLY A 106 2.86 2.46 28.77
C GLY A 106 3.68 1.32 29.34
N ALA A 107 2.99 0.34 29.94
CA ALA A 107 3.65 -0.76 30.65
C ALA A 107 4.38 -1.71 29.70
N ALA A 108 3.71 -2.14 28.65
CA ALA A 108 4.33 -2.99 27.64
C ALA A 108 4.18 -2.33 26.28
N PRO A 109 5.06 -1.37 25.97
CA PRO A 109 4.92 -0.51 24.79
C PRO A 109 5.07 -1.25 23.47
N LEU A 110 4.34 -0.78 22.48
CA LEU A 110 4.51 -1.25 21.12
C LEU A 110 5.15 -0.14 20.30
N VAL A 111 6.40 -0.32 19.91
CA VAL A 111 7.15 0.74 19.26
C VAL A 111 7.65 0.35 17.87
N LEU A 112 7.54 1.28 16.92
CA LEU A 112 8.11 1.07 15.61
C LEU A 112 9.25 2.06 15.36
N VAL A 113 10.40 1.53 14.95
CA VAL A 113 11.54 2.38 14.63
C VAL A 113 11.84 2.23 13.14
N LEU A 114 11.61 3.30 12.40
CA LEU A 114 11.79 3.29 10.97
C LEU A 114 13.13 3.92 10.61
N LEU A 115 14.05 3.13 10.09
CA LEU A 115 15.41 3.60 9.85
C LEU A 115 15.62 4.03 8.41
N GLY A 116 16.13 5.24 8.24
CA GLY A 116 16.40 5.79 6.92
C GLY A 116 15.29 6.69 6.42
N LEU A 117 15.59 7.49 5.40
CA LEU A 117 14.61 8.39 4.79
C LEU A 117 13.59 7.61 3.97
N GLU A 118 12.31 7.88 4.22
CA GLU A 118 11.24 7.14 3.57
C GLU A 118 10.42 8.05 2.66
N LYS A 119 9.95 7.51 1.54
CA LYS A 119 9.07 8.25 0.64
C LYS A 119 7.79 8.65 1.37
N PRO A 120 7.29 9.87 1.11
CA PRO A 120 6.14 10.43 1.82
C PRO A 120 4.88 9.56 1.72
N GLY A 121 4.67 8.94 0.56
CA GLY A 121 3.54 8.06 0.35
C GLY A 121 3.59 6.84 1.25
N ASN A 122 4.70 6.11 1.21
CA ASN A 122 4.91 4.96 2.08
C ASN A 122 4.78 5.33 3.53
N LEU A 123 5.30 6.51 3.87
CA LEU A 123 5.31 6.95 5.25
C LEU A 123 3.90 7.10 5.80
N GLY A 124 3.06 7.83 5.07
CA GLY A 124 1.68 7.97 5.48
C GLY A 124 0.99 6.63 5.67
N ALA A 125 1.24 5.71 4.75
CA ALA A 125 0.65 4.37 4.83
C ALA A 125 1.15 3.61 6.05
N ILE A 126 2.44 3.73 6.36
CA ILE A 126 3.01 3.10 7.56
C ILE A 126 2.31 3.64 8.80
N LEU A 127 2.11 4.96 8.85
CA LEU A 127 1.49 5.59 10.01
C LEU A 127 0.03 5.16 10.20
N ARG A 128 -0.66 4.93 9.08
CA ARG A 128 -2.04 4.47 9.17
C ARG A 128 -2.09 3.08 9.78
N ALA A 129 -1.14 2.23 9.38
CA ALA A 129 -1.05 0.90 9.97
C ALA A 129 -0.67 0.98 11.46
N ALA A 130 0.31 1.81 11.78
CA ALA A 130 0.74 1.95 13.16
C ALA A 130 -0.40 2.43 14.07
N ASP A 131 -1.19 3.38 13.57
CA ASP A 131 -2.34 3.89 14.31
C ASP A 131 -3.37 2.79 14.55
N GLY A 132 -3.64 1.98 13.52
CA GLY A 132 -4.60 0.90 13.64
C GLY A 132 -4.22 -0.11 14.70
N ALA A 133 -2.93 -0.49 14.73
CA ALA A 133 -2.46 -1.50 15.67
C ALA A 133 -2.33 -0.92 17.07
N GLY A 134 -2.44 0.40 17.17
CA GLY A 134 -2.39 1.07 18.47
C GLY A 134 -0.98 1.25 18.99
N ALA A 135 -0.03 1.47 18.08
CA ALA A 135 1.37 1.64 18.45
C ALA A 135 1.52 2.79 19.42
N ASP A 136 2.38 2.63 20.42
CA ASP A 136 2.56 3.67 21.42
C ASP A 136 3.50 4.76 20.92
N LEU A 137 4.35 4.39 19.97
CA LEU A 137 5.41 5.28 19.52
C LEU A 137 5.97 4.86 18.17
N VAL A 138 6.19 5.84 17.29
CA VAL A 138 6.91 5.60 16.05
C VAL A 138 8.07 6.58 15.92
N LEU A 139 9.27 6.05 15.76
CA LEU A 139 10.46 6.87 15.55
C LEU A 139 10.87 6.82 14.09
N VAL A 140 11.10 8.00 13.52
CA VAL A 140 11.53 8.10 12.13
C VAL A 140 12.80 8.94 12.04
N ALA A 141 13.41 8.96 10.86
CA ALA A 141 14.68 9.63 10.67
C ALA A 141 14.57 11.14 10.87
N GLU A 142 15.70 11.77 11.17
CA GLU A 142 15.75 13.18 11.58
C GLU A 142 15.20 14.17 10.55
N GLY A 143 15.40 13.89 9.26
CA GLY A 143 14.98 14.82 8.22
C GLY A 143 13.58 14.59 7.69
N VAL A 144 12.89 13.62 8.27
CA VAL A 144 11.57 13.23 7.79
C VAL A 144 10.50 14.31 8.05
N ASP A 145 9.79 14.67 6.99
CA ASP A 145 8.77 15.71 7.04
C ASP A 145 7.39 15.09 7.29
N LEU A 146 6.85 15.30 8.48
CA LEU A 146 5.57 14.72 8.87
C LEU A 146 4.38 15.61 8.52
N PHE A 147 4.65 16.78 7.96
CA PHE A 147 3.56 17.71 7.65
C PHE A 147 3.41 17.91 6.16
N SER A 148 3.97 16.99 5.37
CA SER A 148 3.80 17.05 3.92
C SER A 148 2.41 16.56 3.56
N PRO A 149 1.83 17.12 2.49
CA PRO A 149 0.49 16.73 2.04
C PRO A 149 0.33 15.22 1.85
N GLN A 150 1.39 14.53 1.45
CA GLN A 150 1.32 13.10 1.17
C GLN A 150 1.22 12.28 2.45
N VAL A 151 2.01 12.63 3.47
CA VAL A 151 1.94 11.94 4.76
C VAL A 151 0.56 12.15 5.37
N ILE A 152 0.07 13.38 5.28
CA ILE A 152 -1.25 13.71 5.81
C ILE A 152 -2.34 12.89 5.10
N ARG A 153 -2.31 12.87 3.77
CA ARG A 153 -3.34 12.15 3.02
C ARG A 153 -3.29 10.63 3.22
N ASN A 154 -2.12 10.03 3.07
CA ASN A 154 -2.02 8.58 3.13
C ASN A 154 -2.22 8.02 4.55
N SER A 155 -2.04 8.86 5.56
CA SER A 155 -2.32 8.44 6.94
C SER A 155 -3.78 8.66 7.29
N THR A 156 -4.53 9.26 6.36
CA THR A 156 -5.92 9.66 6.61
C THR A 156 -6.00 10.55 7.84
N GLY A 157 -4.95 11.36 8.02
CA GLY A 157 -4.88 12.28 9.15
C GLY A 157 -4.51 11.62 10.47
N ALA A 158 -4.18 10.33 10.44
CA ALA A 158 -3.83 9.64 11.68
C ALA A 158 -2.48 10.12 12.18
N VAL A 159 -1.71 10.77 11.31
CA VAL A 159 -0.40 11.31 11.68
C VAL A 159 -0.53 12.31 12.83
N PHE A 160 -1.68 12.98 12.91
CA PHE A 160 -1.86 14.01 13.92
C PHE A 160 -1.97 13.45 15.34
N ALA A 161 -2.70 12.34 15.51
CA ALA A 161 -2.88 11.76 16.84
C ALA A 161 -1.74 10.82 17.25
N LEU A 162 -1.15 10.14 16.28
CA LEU A 162 -0.10 9.15 16.55
C LEU A 162 1.19 9.80 17.07
N PRO A 163 1.76 9.26 18.15
CA PRO A 163 3.06 9.76 18.64
C PRO A 163 4.21 9.40 17.69
N VAL A 164 4.57 10.33 16.82
CA VAL A 164 5.62 10.12 15.82
C VAL A 164 6.69 11.19 15.92
N TYR A 165 7.94 10.79 16.04
CA TYR A 165 9.02 11.75 16.24
C TYR A 165 10.21 11.52 15.32
N PRO A 166 10.62 12.55 14.56
CA PRO A 166 11.85 12.51 13.77
C PRO A 166 13.07 12.71 14.67
N VAL A 167 13.99 11.74 14.70
CA VAL A 167 15.15 11.82 15.58
C VAL A 167 16.37 11.21 14.92
N ALA A 168 17.55 11.74 15.25
CA ALA A 168 18.80 11.17 14.78
C ALA A 168 19.02 9.81 15.45
N GLU A 169 19.90 9.00 14.87
CA GLU A 169 20.12 7.64 15.36
C GLU A 169 20.54 7.59 16.83
N GLY A 170 21.39 8.53 17.24
CA GLY A 170 21.87 8.60 18.61
C GLY A 170 20.75 8.86 19.59
N GLU A 171 19.81 9.74 19.22
CA GLU A 171 18.72 10.05 20.12
C GLU A 171 17.73 8.86 20.21
N ALA A 172 17.50 8.20 19.09
CA ALA A 172 16.63 7.03 19.08
C ALA A 172 17.25 5.90 19.93
N ALA A 173 18.55 5.67 19.76
CA ALA A 173 19.26 4.67 20.54
C ALA A 173 19.18 4.95 22.03
N ARG A 174 19.35 6.22 22.39
CA ARG A 174 19.25 6.63 23.78
C ARG A 174 17.87 6.35 24.35
N PHE A 175 16.84 6.72 23.59
CA PHE A 175 15.47 6.50 24.05
C PHE A 175 15.19 5.02 24.29
N LEU A 176 15.62 4.18 23.36
CA LEU A 176 15.38 2.74 23.43
C LEU A 176 16.13 2.08 24.58
N GLU A 177 17.38 2.49 24.80
CA GLU A 177 18.17 1.96 25.90
C GLU A 177 17.57 2.38 27.23
N GLU A 178 17.11 3.62 27.29
CA GLU A 178 16.59 4.19 28.53
C GLU A 178 15.26 3.56 28.94
N HIS A 179 14.46 3.17 27.96
CA HIS A 179 13.18 2.54 28.24
C HIS A 179 13.28 1.02 28.25
N ASN A 180 14.49 0.52 28.09
CA ASN A 180 14.77 -0.93 28.09
C ASN A 180 13.85 -1.71 27.16
N LEU A 181 13.77 -1.28 25.91
CA LEU A 181 12.93 -1.96 24.94
C LEU A 181 13.70 -3.05 24.22
N PRO A 182 13.11 -4.26 24.16
CA PRO A 182 13.67 -5.34 23.36
C PRO A 182 13.61 -4.99 21.88
N LEU A 183 14.75 -5.08 21.20
CA LEU A 183 14.81 -4.72 19.79
C LEU A 183 14.66 -5.93 18.88
N VAL A 184 13.66 -5.89 18.01
CA VAL A 184 13.43 -6.95 17.04
C VAL A 184 13.60 -6.40 15.65
N ALA A 185 14.62 -6.89 14.94
CA ALA A 185 14.91 -6.40 13.60
C ALA A 185 14.15 -7.22 12.58
N ALA A 186 13.38 -6.52 11.74
CA ALA A 186 12.65 -7.18 10.67
C ALA A 186 13.47 -7.21 9.40
N THR A 187 13.80 -8.41 8.93
CA THR A 187 14.57 -8.54 7.70
C THR A 187 14.17 -9.84 7.00
N PRO A 188 14.10 -9.81 5.66
CA PRO A 188 13.64 -10.99 4.92
C PRO A 188 14.48 -12.24 5.22
N GLU A 189 15.70 -12.03 5.71
CA GLU A 189 16.60 -13.14 6.00
C GLU A 189 16.64 -13.49 7.48
N GLY A 190 15.75 -12.89 8.26
CA GLY A 190 15.69 -13.15 9.70
C GLY A 190 15.67 -14.63 10.04
N GLU A 191 16.40 -15.00 11.09
CA GLU A 191 16.56 -16.41 11.47
C GLU A 191 15.23 -17.01 11.93
N ARG A 192 14.39 -16.20 12.56
CA ARG A 192 13.11 -16.67 13.08
C ARG A 192 11.95 -16.12 12.28
N LEU A 193 10.84 -16.86 12.27
CA LEU A 193 9.59 -16.32 11.73
C LEU A 193 9.07 -15.26 12.70
N TYR A 194 8.49 -14.19 12.16
CA TYR A 194 8.05 -13.09 13.02
C TYR A 194 7.00 -13.53 14.03
N TRP A 195 6.28 -14.61 13.74
CA TRP A 195 5.35 -15.17 14.70
C TRP A 195 6.04 -15.82 15.90
N GLU A 196 7.33 -16.13 15.76
CA GLU A 196 8.07 -16.85 16.80
C GLU A 196 8.65 -15.91 17.86
N GLY A 197 8.54 -14.60 17.65
CA GLY A 197 9.02 -13.63 18.61
C GLY A 197 8.05 -13.53 19.77
N ASP A 198 8.55 -13.18 20.96
CA ASP A 198 7.67 -12.94 22.09
C ASP A 198 7.50 -11.44 22.29
N TYR A 199 6.31 -10.94 21.97
CA TYR A 199 6.04 -9.52 22.01
C TYR A 199 5.10 -9.19 23.15
N ARG A 200 4.89 -10.16 24.04
CA ARG A 200 3.91 -9.99 25.10
C ARG A 200 4.35 -8.93 26.11
N GLY A 201 5.65 -8.71 26.24
CA GLY A 201 6.17 -7.76 27.19
C GLY A 201 6.66 -6.47 26.58
N GLY A 202 6.19 -6.18 25.38
CA GLY A 202 6.61 -4.97 24.71
C GLY A 202 7.73 -5.25 23.72
N VAL A 203 7.86 -4.36 22.75
CA VAL A 203 8.80 -4.56 21.66
C VAL A 203 8.99 -3.27 20.90
N ALA A 204 10.23 -3.04 20.45
CA ALA A 204 10.47 -2.04 19.43
C ALA A 204 10.91 -2.76 18.18
N PHE A 205 10.10 -2.69 17.13
CA PHE A 205 10.48 -3.26 15.85
C PHE A 205 11.39 -2.29 15.08
N LEU A 206 12.46 -2.83 14.50
CA LEU A 206 13.36 -2.07 13.65
C LEU A 206 13.07 -2.40 12.19
N LEU A 207 12.69 -1.38 11.42
CA LEU A 207 12.27 -1.56 10.04
C LEU A 207 12.99 -0.57 9.13
N GLY A 208 13.66 -1.08 8.10
CA GLY A 208 14.32 -0.23 7.14
C GLY A 208 13.35 0.43 6.17
N ALA A 209 13.67 1.64 5.73
CA ALA A 209 12.87 2.33 4.74
C ALA A 209 12.87 1.56 3.41
N GLU A 210 11.84 1.80 2.59
CA GLU A 210 11.71 1.13 1.30
C GLU A 210 12.98 1.31 0.46
N ASP A 211 13.37 0.25 -0.24
CA ASP A 211 14.61 0.21 -1.04
C ASP A 211 15.87 0.32 -0.18
N LYS A 212 15.83 1.18 0.83
CA LYS A 212 16.89 1.21 1.84
C LYS A 212 16.96 -0.15 2.53
N GLY A 213 18.16 -0.54 2.93
CA GLY A 213 18.31 -1.75 3.72
C GLY A 213 18.17 -1.41 5.19
N LEU A 214 18.42 -2.39 6.04
CA LEU A 214 18.50 -2.15 7.47
C LEU A 214 19.97 -2.09 7.86
N PRO A 215 20.40 -0.97 8.48
CA PRO A 215 21.79 -0.75 8.88
C PRO A 215 22.35 -1.89 9.72
N GLU A 216 23.50 -2.41 9.33
CA GLU A 216 24.09 -3.57 9.98
C GLU A 216 24.28 -3.38 11.49
N ALA A 217 24.60 -2.15 11.89
CA ALA A 217 24.79 -1.84 13.30
C ALA A 217 23.49 -2.05 14.07
N TRP A 218 22.37 -1.68 13.47
CA TRP A 218 21.07 -1.89 14.09
C TRP A 218 20.65 -3.36 14.00
N LYS A 219 20.87 -3.97 12.85
CA LYS A 219 20.51 -5.37 12.63
C LYS A 219 21.26 -6.29 13.61
N ARG A 220 22.54 -6.01 13.82
CA ARG A 220 23.38 -6.82 14.72
C ARG A 220 22.95 -6.66 16.18
N ARG A 221 22.61 -5.43 16.56
CA ARG A 221 22.23 -5.11 17.94
C ARG A 221 21.00 -5.86 18.42
N ALA A 222 20.07 -6.10 17.50
CA ALA A 222 18.75 -6.61 17.86
C ALA A 222 18.82 -7.91 18.63
N GLN A 223 17.89 -8.07 19.56
CA GLN A 223 17.76 -9.29 20.35
C GLN A 223 17.44 -10.49 19.45
N VAL A 224 16.58 -10.28 18.47
CA VAL A 224 16.30 -11.27 17.43
C VAL A 224 16.06 -10.61 16.08
N ARG A 225 16.31 -11.37 15.02
CA ARG A 225 15.96 -10.95 13.67
C ARG A 225 14.84 -11.86 13.17
N VAL A 226 13.76 -11.25 12.70
CA VAL A 226 12.61 -12.04 12.27
C VAL A 226 12.26 -11.73 10.82
N ARG A 227 11.70 -12.72 10.12
CA ARG A 227 11.26 -12.52 8.74
C ARG A 227 9.77 -12.79 8.61
N ILE A 228 9.18 -12.15 7.61
CA ILE A 228 7.83 -12.49 7.17
C ILE A 228 8.00 -13.46 6.00
N PRO A 229 7.35 -14.63 6.09
CA PRO A 229 7.47 -15.66 5.05
C PRO A 229 7.08 -15.13 3.69
N MET A 230 7.84 -15.48 2.65
CA MET A 230 7.49 -15.14 1.28
C MET A 230 7.44 -16.43 0.48
N ARG A 231 6.23 -16.94 0.25
CA ARG A 231 6.03 -18.25 -0.36
C ARG A 231 5.95 -18.18 -1.88
N GLY A 232 5.93 -16.97 -2.42
CA GLY A 232 5.79 -16.79 -3.86
C GLY A 232 7.08 -16.37 -4.53
N ARG A 233 6.95 -15.64 -5.63
CA ARG A 233 8.11 -15.22 -6.39
C ARG A 233 8.89 -14.11 -5.69
N ALA A 234 8.19 -13.05 -5.29
CA ALA A 234 8.81 -11.90 -4.66
C ALA A 234 9.60 -12.27 -3.40
N ASP A 235 10.58 -11.43 -3.06
CA ASP A 235 11.42 -11.70 -1.90
C ASP A 235 11.12 -10.75 -0.74
N SER A 236 10.35 -9.71 -1.03
CA SER A 236 10.00 -8.73 0.00
C SER A 236 8.66 -8.05 -0.28
N LEU A 237 7.98 -7.62 0.79
CA LEU A 237 6.72 -6.89 0.68
C LEU A 237 6.94 -5.37 0.79
N ASN A 238 5.94 -4.59 0.40
CA ASN A 238 5.96 -3.15 0.62
C ASN A 238 6.16 -2.83 2.08
N VAL A 239 6.84 -1.71 2.37
CA VAL A 239 7.23 -1.39 3.75
C VAL A 239 6.03 -1.20 4.68
N ALA A 240 4.95 -0.62 4.17
CA ALA A 240 3.76 -0.37 4.99
C ALA A 240 3.05 -1.66 5.32
N VAL A 241 3.10 -2.61 4.38
CA VAL A 241 2.51 -3.92 4.60
C VAL A 241 3.31 -4.69 5.65
N THR A 242 4.63 -4.64 5.52
CA THR A 242 5.50 -5.24 6.52
C THR A 242 5.25 -4.68 7.90
N ALA A 243 5.18 -3.35 7.99
CA ALA A 243 4.92 -2.69 9.26
C ALA A 243 3.61 -3.15 9.89
N ALA A 244 2.57 -3.25 9.07
CA ALA A 244 1.27 -3.67 9.56
C ALA A 244 1.32 -5.11 10.09
N LEU A 245 1.96 -6.00 9.33
CA LEU A 245 2.03 -7.40 9.75
C LEU A 245 2.75 -7.56 11.09
N LEU A 246 3.88 -6.87 11.24
CA LEU A 246 4.63 -6.92 12.50
C LEU A 246 3.82 -6.40 13.68
N LEU A 247 3.27 -5.20 13.53
CA LEU A 247 2.56 -4.56 14.62
C LEU A 247 1.30 -5.34 15.03
N TYR A 248 0.59 -5.89 14.06
CA TYR A 248 -0.63 -6.61 14.39
C TYR A 248 -0.33 -7.99 14.98
N GLU A 249 0.83 -8.54 14.68
CA GLU A 249 1.26 -9.78 15.32
C GLU A 249 1.56 -9.52 16.79
N ALA A 250 2.19 -8.38 17.07
CA ALA A 250 2.43 -7.99 18.46
C ALA A 250 1.08 -7.80 19.16
N LEU A 251 0.14 -7.16 18.48
CA LEU A 251 -1.17 -6.92 19.06
C LEU A 251 -1.91 -8.24 19.31
N ARG A 252 -1.71 -9.22 18.43
CA ARG A 252 -2.32 -10.53 18.61
C ARG A 252 -1.85 -11.17 19.91
N GLN A 253 -0.56 -11.06 20.17
CA GLN A 253 0.00 -11.66 21.37
C GLN A 253 -0.41 -10.90 22.64
N ARG A 254 -0.54 -9.58 22.54
CA ARG A 254 -1.08 -8.80 23.65
C ARG A 254 -2.51 -9.18 23.95
N SER A 255 -3.23 -9.63 22.92
CA SER A 255 -4.65 -9.89 23.05
C SER A 255 -4.93 -11.32 23.50
N GLY A 256 -3.89 -12.03 23.91
CA GLY A 256 -4.06 -13.37 24.44
C GLY A 256 -3.41 -14.45 23.59
N GLY A 257 -2.87 -14.06 22.44
CA GLY A 257 -2.20 -15.00 21.56
C GLY A 257 -0.82 -15.37 22.05
N ALA A 258 -0.41 -16.60 21.76
CA ALA A 258 0.92 -17.05 22.14
C ALA A 258 1.85 -17.09 20.92
N PRO A 259 3.16 -16.90 21.14
CA PRO A 259 4.12 -17.00 20.05
C PRO A 259 4.07 -18.38 19.38
N LEU A 260 4.51 -18.45 18.12
CA LEU A 260 4.54 -19.71 17.38
C LEU A 260 5.75 -20.56 17.77
N MET B 1 16.70 -6.10 -36.05
CA MET B 1 16.99 -4.78 -36.59
C MET B 1 16.93 -3.73 -35.48
N ARG B 2 17.25 -2.48 -35.82
CA ARG B 2 17.08 -1.38 -34.88
C ARG B 2 16.19 -0.30 -35.47
N ILE B 3 15.25 0.20 -34.67
CA ILE B 3 14.36 1.24 -35.13
C ILE B 3 14.64 2.57 -34.46
N GLU B 4 14.90 3.58 -35.28
CA GLU B 4 15.25 4.90 -34.77
C GLU B 4 14.02 5.79 -34.50
N SER B 5 13.11 5.88 -35.46
CA SER B 5 12.04 6.89 -35.38
C SER B 5 10.83 6.45 -34.57
N PRO B 6 10.36 7.32 -33.67
CA PRO B 6 9.14 7.03 -32.91
C PRO B 6 7.90 7.03 -33.80
N GLN B 7 8.04 7.48 -35.05
CA GLN B 7 6.94 7.49 -36.00
C GLN B 7 6.90 6.23 -36.85
N ASN B 8 7.89 5.36 -36.69
CA ASN B 8 7.91 4.09 -37.40
C ASN B 8 6.63 3.31 -37.11
N PRO B 9 6.02 2.75 -38.15
CA PRO B 9 4.75 2.02 -37.93
C PRO B 9 4.82 0.91 -36.88
N ARG B 10 5.97 0.25 -36.71
CA ARG B 10 6.12 -0.81 -35.72
C ARG B 10 6.05 -0.25 -34.31
N VAL B 11 6.72 0.88 -34.14
CA VAL B 11 6.69 1.60 -32.89
C VAL B 11 5.29 2.07 -32.54
N LYS B 12 4.58 2.63 -33.52
CA LYS B 12 3.20 3.04 -33.29
C LYS B 12 2.32 1.85 -32.86
N ALA B 13 2.51 0.71 -33.51
CA ALA B 13 1.76 -0.50 -33.17
C ALA B 13 2.04 -0.98 -31.75
N LEU B 14 3.31 -0.95 -31.38
CA LEU B 14 3.73 -1.31 -30.03
C LEU B 14 3.16 -0.35 -29.00
N ALA B 15 3.18 0.94 -29.31
CA ALA B 15 2.65 1.95 -28.40
C ALA B 15 1.14 1.80 -28.22
N ALA B 16 0.47 1.34 -29.27
CA ALA B 16 -0.98 1.18 -29.23
C ALA B 16 -1.40 0.13 -28.20
N LEU B 17 -0.50 -0.76 -27.82
CA LEU B 17 -0.81 -1.82 -26.87
C LEU B 17 -1.09 -1.28 -25.46
N LYS B 18 -0.92 0.03 -25.26
CA LYS B 18 -1.26 0.66 -23.99
C LYS B 18 -2.75 0.57 -23.69
N GLU B 19 -3.55 0.42 -24.74
CA GLU B 19 -5.01 0.39 -24.60
C GLU B 19 -5.52 -1.03 -24.50
N ARG B 20 -6.46 -1.28 -23.59
CA ARG B 20 -7.03 -2.61 -23.42
C ARG B 20 -7.65 -3.13 -24.72
N LYS B 21 -8.39 -2.27 -25.41
CA LYS B 21 -9.05 -2.68 -26.65
C LYS B 21 -8.07 -3.19 -27.70
N GLU B 22 -6.87 -2.59 -27.73
CA GLU B 22 -5.88 -3.00 -28.71
C GLU B 22 -5.27 -4.34 -28.31
N ARG B 23 -5.08 -4.55 -27.00
CA ARG B 23 -4.60 -5.83 -26.49
C ARG B 23 -5.56 -6.95 -26.87
N GLU B 24 -6.86 -6.70 -26.70
CA GLU B 24 -7.88 -7.69 -27.08
C GLU B 24 -7.91 -7.96 -28.58
N ARG B 25 -7.77 -6.89 -29.37
CA ARG B 25 -7.80 -7.00 -30.82
C ARG B 25 -6.63 -7.81 -31.35
N THR B 26 -5.44 -7.48 -30.85
CA THR B 26 -4.21 -8.13 -31.30
C THR B 26 -3.93 -9.46 -30.61
N GLY B 27 -4.51 -9.66 -29.43
CA GLY B 27 -4.20 -10.84 -28.64
C GLY B 27 -2.77 -10.76 -28.10
N ARG B 28 -2.31 -9.53 -27.86
CA ARG B 28 -0.94 -9.29 -27.42
C ARG B 28 -0.91 -8.25 -26.32
N PHE B 29 0.12 -8.28 -25.49
CA PHE B 29 0.30 -7.23 -24.49
C PHE B 29 1.77 -7.05 -24.19
N LEU B 30 2.11 -5.84 -23.74
CA LEU B 30 3.48 -5.47 -23.45
C LEU B 30 3.82 -5.64 -21.96
N VAL B 31 4.94 -6.28 -21.71
CA VAL B 31 5.48 -6.43 -20.36
C VAL B 31 6.76 -5.60 -20.25
N GLU B 32 6.72 -4.52 -19.45
CA GLU B 32 7.87 -3.64 -19.31
C GLU B 32 8.66 -3.92 -18.04
N GLY B 33 9.99 -3.97 -18.18
CA GLY B 33 10.86 -4.25 -17.05
C GLY B 33 11.52 -5.61 -17.16
N ARG B 34 12.82 -5.63 -16.91
CA ARG B 34 13.60 -6.85 -16.94
C ARG B 34 13.02 -7.90 -15.98
N ARG B 35 12.72 -7.48 -14.76
CA ARG B 35 12.18 -8.37 -13.74
C ARG B 35 10.80 -8.90 -14.17
N GLU B 36 9.96 -7.99 -14.66
CA GLU B 36 8.61 -8.36 -15.06
C GLU B 36 8.63 -9.32 -16.25
N VAL B 37 9.57 -9.12 -17.16
CA VAL B 37 9.67 -10.02 -18.32
C VAL B 37 10.13 -11.41 -17.87
N GLU B 38 11.08 -11.45 -16.95
CA GLU B 38 11.56 -12.72 -16.41
C GLU B 38 10.41 -13.47 -15.72
N ARG B 39 9.58 -12.72 -14.99
CA ARG B 39 8.42 -13.30 -14.30
C ARG B 39 7.38 -13.87 -15.27
N ALA B 40 7.17 -13.16 -16.39
CA ALA B 40 6.19 -13.61 -17.36
C ALA B 40 6.71 -14.88 -18.03
N LEU B 41 8.01 -14.92 -18.29
CA LEU B 41 8.62 -16.07 -18.93
C LEU B 41 8.54 -17.28 -18.03
N GLU B 42 8.87 -17.07 -16.76
CA GLU B 42 8.88 -18.12 -15.75
C GLU B 42 7.48 -18.71 -15.59
N ALA B 43 6.48 -17.84 -15.73
CA ALA B 43 5.09 -18.22 -15.55
C ALA B 43 4.54 -19.00 -16.73
N GLY B 44 5.33 -19.11 -17.80
CA GLY B 44 4.95 -19.89 -18.96
C GLY B 44 4.23 -19.12 -20.06
N LEU B 45 4.26 -17.80 -20.00
CA LEU B 45 3.65 -16.97 -21.04
C LEU B 45 4.54 -16.95 -22.30
N SER B 46 3.92 -16.81 -23.46
CA SER B 46 4.62 -16.95 -24.73
C SER B 46 5.16 -15.59 -25.23
N LEU B 47 6.48 -15.49 -25.31
CA LEU B 47 7.14 -14.29 -25.78
C LEU B 47 7.20 -14.26 -27.30
N GLU B 48 6.70 -13.20 -27.92
CA GLU B 48 6.76 -13.10 -29.38
C GLU B 48 7.90 -12.18 -29.82
N THR B 49 8.08 -11.08 -29.10
CA THR B 49 9.14 -10.12 -29.45
C THR B 49 9.79 -9.54 -28.21
N LEU B 50 11.11 -9.61 -28.16
CA LEU B 50 11.86 -8.96 -27.10
C LEU B 50 12.28 -7.57 -27.57
N LEU B 51 12.03 -6.55 -26.76
CA LEU B 51 12.43 -5.19 -27.09
C LEU B 51 13.60 -4.76 -26.21
N LEU B 52 14.65 -4.22 -26.82
CA LEU B 52 15.81 -3.79 -26.05
C LEU B 52 16.12 -2.32 -26.34
N GLY B 53 16.21 -1.53 -25.28
CA GLY B 53 16.57 -0.13 -25.40
C GLY B 53 18.07 0.05 -25.53
N PRO B 54 18.50 1.30 -25.74
CA PRO B 54 19.92 1.59 -25.99
C PRO B 54 20.81 1.29 -24.77
N LYS B 55 20.25 1.23 -23.56
CA LYS B 55 21.04 0.91 -22.38
C LYS B 55 20.81 -0.53 -21.86
N ALA B 56 20.26 -1.40 -22.70
CA ALA B 56 20.07 -2.80 -22.34
C ALA B 56 21.43 -3.48 -22.08
N ARG B 57 21.39 -4.60 -21.36
CA ARG B 57 22.60 -5.33 -21.00
C ARG B 57 22.77 -6.54 -21.92
N PRO B 58 24.02 -7.02 -22.10
CA PRO B 58 24.17 -8.15 -23.03
C PRO B 58 23.39 -9.38 -22.57
N GLU B 59 23.22 -9.56 -21.25
CA GLU B 59 22.48 -10.70 -20.71
C GLU B 59 21.02 -10.70 -21.13
N ASP B 60 20.48 -9.51 -21.36
CA ASP B 60 19.06 -9.38 -21.71
C ASP B 60 18.72 -10.13 -23.00
N ARG B 61 19.69 -10.28 -23.88
CA ARG B 61 19.48 -11.03 -25.12
C ARG B 61 19.13 -12.49 -24.87
N ALA B 62 19.59 -13.05 -23.74
CA ALA B 62 19.33 -14.45 -23.44
C ALA B 62 17.85 -14.69 -23.13
N LEU B 63 17.11 -13.62 -22.86
CA LEU B 63 15.69 -13.72 -22.54
C LEU B 63 14.84 -14.03 -23.77
N ALA B 64 15.42 -13.85 -24.95
CA ALA B 64 14.66 -13.96 -26.20
C ALA B 64 14.18 -15.39 -26.47
N GLY B 65 15.00 -16.38 -26.14
CA GLY B 65 14.67 -17.77 -26.40
C GLY B 65 14.15 -18.04 -27.81
N GLY B 66 14.79 -17.44 -28.82
CA GLY B 66 14.40 -17.66 -30.20
C GLY B 66 13.45 -16.63 -30.78
N ALA B 67 12.80 -15.84 -29.93
CA ALA B 67 11.90 -14.79 -30.39
C ALA B 67 12.68 -13.70 -31.15
N GLU B 68 11.96 -12.89 -31.92
CA GLU B 68 12.56 -11.73 -32.56
C GLU B 68 13.10 -10.77 -31.50
N VAL B 69 14.28 -10.23 -31.76
CA VAL B 69 14.83 -9.17 -30.93
C VAL B 69 14.79 -7.87 -31.72
N LEU B 70 14.13 -6.87 -31.13
CA LEU B 70 14.00 -5.57 -31.77
C LEU B 70 14.69 -4.50 -30.93
N GLU B 71 15.66 -3.79 -31.50
CA GLU B 71 16.31 -2.72 -30.76
C GLU B 71 15.60 -1.40 -31.01
N LEU B 72 15.45 -0.62 -29.95
CA LEU B 72 14.76 0.66 -30.06
C LEU B 72 15.68 1.80 -29.67
N SER B 73 15.55 2.91 -30.38
CA SER B 73 16.26 4.13 -30.03
C SER B 73 15.66 4.67 -28.74
N GLU B 74 16.34 5.63 -28.12
CA GLU B 74 15.83 6.27 -26.92
C GLU B 74 14.44 6.86 -27.15
N ARG B 75 14.27 7.53 -28.29
CA ARG B 75 12.98 8.16 -28.61
C ARG B 75 11.90 7.14 -28.93
N ALA B 76 12.26 6.11 -29.67
CA ALA B 76 11.34 5.01 -29.97
C ALA B 76 10.93 4.29 -28.68
N LEU B 77 11.90 4.02 -27.82
CA LEU B 77 11.62 3.39 -26.53
C LEU B 77 10.65 4.22 -25.69
N ALA B 78 10.85 5.52 -25.66
CA ALA B 78 10.00 6.41 -24.87
C ALA B 78 8.56 6.38 -25.37
N ARG B 79 8.38 6.21 -26.68
CA ARG B 79 7.03 6.14 -27.26
C ARG B 79 6.28 4.89 -26.80
N VAL B 80 6.99 3.76 -26.72
CA VAL B 80 6.37 2.48 -26.40
C VAL B 80 6.14 2.34 -24.89
N SER B 81 7.01 2.97 -24.10
CA SER B 81 6.99 2.81 -22.65
C SER B 81 5.81 3.51 -21.99
N THR B 82 5.34 2.93 -20.88
CA THR B 82 4.35 3.62 -20.04
C THR B 82 4.99 4.20 -18.79
N ARG B 83 6.32 4.25 -18.75
CA ARG B 83 6.96 4.78 -17.55
C ARG B 83 7.60 6.14 -17.78
N GLU B 84 7.78 6.84 -16.67
CA GLU B 84 8.51 8.09 -16.59
C GLU B 84 9.89 7.96 -17.23
N ASN B 85 10.67 7.02 -16.72
CA ASN B 85 11.90 6.60 -17.37
C ASN B 85 11.74 5.15 -17.79
N PRO B 86 11.81 4.89 -19.10
CA PRO B 86 11.53 3.55 -19.65
C PRO B 86 12.45 2.47 -19.13
N ALA B 87 11.92 1.27 -18.93
CA ALA B 87 12.78 0.11 -18.75
C ALA B 87 13.48 -0.18 -20.07
N GLN B 88 14.63 -0.83 -19.99
CA GLN B 88 15.45 -1.08 -21.18
C GLN B 88 15.20 -2.47 -21.74
N VAL B 89 14.34 -3.23 -21.06
CA VAL B 89 13.92 -4.55 -21.51
C VAL B 89 12.40 -4.63 -21.47
N LEU B 90 11.79 -5.02 -22.59
CA LEU B 90 10.34 -5.20 -22.65
C LEU B 90 10.05 -6.43 -23.47
N GLY B 91 8.86 -7.00 -23.29
CA GLY B 91 8.49 -8.17 -24.08
C GLY B 91 7.08 -8.05 -24.58
N VAL B 92 6.87 -8.41 -25.85
CA VAL B 92 5.52 -8.57 -26.37
C VAL B 92 5.10 -10.02 -26.20
N PHE B 93 4.08 -10.25 -25.38
CA PHE B 93 3.61 -11.59 -25.08
C PHE B 93 2.21 -11.85 -25.62
N ARG B 94 1.90 -13.12 -25.86
CA ARG B 94 0.53 -13.47 -26.20
C ARG B 94 -0.36 -13.31 -24.97
N LEU B 95 -1.50 -12.66 -25.19
CA LEU B 95 -2.50 -12.45 -24.14
C LEU B 95 -3.29 -13.74 -23.92
N PRO B 96 -3.07 -14.41 -22.77
CA PRO B 96 -3.73 -15.69 -22.55
C PRO B 96 -5.20 -15.51 -22.18
N ARG B 97 -6.02 -16.50 -22.49
CA ARG B 97 -7.40 -16.49 -22.03
C ARG B 97 -7.42 -17.21 -20.69
N ARG B 98 -8.05 -16.59 -19.70
CA ARG B 98 -8.07 -17.15 -18.36
C ARG B 98 -9.50 -17.56 -18.00
N SER B 99 -9.62 -18.68 -17.31
CA SER B 99 -10.93 -19.25 -17.02
C SER B 99 -10.87 -20.19 -15.84
N LEU B 100 -11.91 -20.17 -15.01
CA LEU B 100 -11.98 -21.06 -13.85
C LEU B 100 -12.37 -22.47 -14.24
N ALA B 101 -12.74 -22.67 -15.51
CA ALA B 101 -13.11 -24.00 -15.98
C ALA B 101 -12.04 -25.04 -15.64
N GLY B 102 -12.43 -26.06 -14.89
CA GLY B 102 -11.55 -27.17 -14.57
C GLY B 102 -10.45 -26.87 -13.56
N VAL B 103 -10.44 -25.64 -13.03
CA VAL B 103 -9.48 -25.27 -11.99
C VAL B 103 -9.76 -26.08 -10.73
N THR B 104 -8.76 -26.74 -10.20
CA THR B 104 -8.92 -27.49 -8.96
C THR B 104 -8.06 -26.87 -7.86
N LEU B 105 -8.55 -26.90 -6.63
CA LEU B 105 -7.82 -26.33 -5.50
C LEU B 105 -7.10 -27.40 -4.69
N GLY B 106 -5.88 -27.08 -4.25
CA GLY B 106 -5.14 -27.97 -3.39
C GLY B 106 -5.77 -28.05 -2.00
N ALA B 107 -5.13 -28.81 -1.12
CA ALA B 107 -5.69 -29.05 0.22
C ALA B 107 -5.69 -27.78 1.06
N ALA B 108 -6.73 -27.63 1.89
CA ALA B 108 -6.88 -26.50 2.81
C ALA B 108 -6.49 -25.17 2.17
N PRO B 109 -7.19 -24.82 1.08
CA PRO B 109 -6.74 -23.71 0.25
C PRO B 109 -7.01 -22.35 0.88
N LEU B 110 -6.11 -21.43 0.58
CA LEU B 110 -6.24 -20.05 1.01
C LEU B 110 -6.76 -19.26 -0.18
N VAL B 111 -7.99 -18.76 -0.05
CA VAL B 111 -8.66 -18.09 -1.17
C VAL B 111 -9.02 -16.66 -0.80
N LEU B 112 -8.75 -15.73 -1.71
CA LEU B 112 -9.17 -14.35 -1.49
C LEU B 112 -10.15 -13.94 -2.57
N VAL B 113 -11.32 -13.47 -2.15
CA VAL B 113 -12.35 -13.00 -3.07
C VAL B 113 -12.47 -11.48 -2.95
N LEU B 114 -11.95 -10.77 -3.95
CA LEU B 114 -11.98 -9.32 -3.97
C LEU B 114 -13.21 -8.83 -4.73
N LEU B 115 -14.21 -8.35 -3.99
CA LEU B 115 -15.49 -7.99 -4.59
C LEU B 115 -15.51 -6.56 -5.11
N GLY B 116 -15.84 -6.41 -6.39
CA GLY B 116 -15.99 -5.10 -7.01
C GLY B 116 -14.72 -4.65 -7.75
N LEU B 117 -14.87 -3.72 -8.67
CA LEU B 117 -13.71 -3.20 -9.41
C LEU B 117 -12.73 -2.50 -8.48
N GLU B 118 -11.44 -2.75 -8.67
CA GLU B 118 -10.42 -2.14 -7.81
C GLU B 118 -9.44 -1.32 -8.65
N LYS B 119 -8.91 -0.26 -8.07
CA LYS B 119 -7.93 0.59 -8.74
C LYS B 119 -6.60 -0.14 -8.88
N PRO B 120 -5.85 0.12 -9.98
CA PRO B 120 -4.63 -0.63 -10.28
C PRO B 120 -3.57 -0.58 -9.18
N GLY B 121 -3.50 0.53 -8.46
CA GLY B 121 -2.54 0.67 -7.37
C GLY B 121 -2.81 -0.30 -6.23
N ASN B 122 -4.03 -0.22 -5.69
CA ASN B 122 -4.49 -1.18 -4.69
C ASN B 122 -4.38 -2.61 -5.20
N LEU B 123 -4.80 -2.82 -6.45
CA LEU B 123 -4.85 -4.17 -7.00
C LEU B 123 -3.47 -4.80 -7.04
N GLY B 124 -2.48 -4.03 -7.49
CA GLY B 124 -1.11 -4.51 -7.53
C GLY B 124 -0.65 -4.90 -6.14
N ALA B 125 -0.94 -4.05 -5.16
CA ALA B 125 -0.49 -4.30 -3.81
C ALA B 125 -1.17 -5.54 -3.23
N ILE B 126 -2.44 -5.73 -3.56
CA ILE B 126 -3.17 -6.91 -3.09
C ILE B 126 -2.57 -8.19 -3.68
N LEU B 127 -2.27 -8.17 -4.98
CA LEU B 127 -1.64 -9.31 -5.62
C LEU B 127 -0.27 -9.65 -5.02
N ARG B 128 0.50 -8.62 -4.67
CA ARG B 128 1.79 -8.85 -4.04
C ARG B 128 1.65 -9.57 -2.71
N ALA B 129 0.65 -9.14 -1.93
CA ALA B 129 0.36 -9.75 -0.64
C ALA B 129 -0.05 -11.22 -0.80
N ALA B 130 -0.91 -11.47 -1.78
CA ALA B 130 -1.36 -12.82 -2.08
C ALA B 130 -0.20 -13.69 -2.53
N ASP B 131 0.70 -13.10 -3.32
CA ASP B 131 1.91 -13.80 -3.74
C ASP B 131 2.75 -14.19 -2.53
N GLY B 132 2.98 -13.23 -1.64
CA GLY B 132 3.78 -13.46 -0.44
C GLY B 132 3.21 -14.54 0.46
N ALA B 133 1.90 -14.49 0.71
CA ALA B 133 1.25 -15.46 1.59
C ALA B 133 1.08 -16.84 0.94
N GLY B 134 1.24 -16.92 -0.38
CA GLY B 134 1.04 -18.17 -1.09
C GLY B 134 -0.43 -18.53 -1.27
N ALA B 135 -1.27 -17.53 -1.58
CA ALA B 135 -2.70 -17.78 -1.82
C ALA B 135 -2.90 -18.78 -2.96
N ASP B 136 -3.84 -19.70 -2.76
CA ASP B 136 -4.14 -20.73 -3.75
C ASP B 136 -5.04 -20.25 -4.88
N LEU B 137 -5.74 -19.16 -4.65
CA LEU B 137 -6.70 -18.62 -5.61
C LEU B 137 -7.05 -17.20 -5.22
N VAL B 138 -7.06 -16.30 -6.20
CA VAL B 138 -7.61 -14.96 -6.00
C VAL B 138 -8.71 -14.75 -7.05
N LEU B 139 -9.91 -14.42 -6.61
CA LEU B 139 -10.99 -14.11 -7.53
C LEU B 139 -11.18 -12.60 -7.53
N VAL B 140 -11.22 -12.01 -8.72
CA VAL B 140 -11.48 -10.59 -8.84
C VAL B 140 -12.73 -10.36 -9.69
N ALA B 141 -13.22 -9.12 -9.70
CA ALA B 141 -14.46 -8.79 -10.40
C ALA B 141 -14.33 -9.04 -11.90
N GLU B 142 -15.47 -9.25 -12.54
CA GLU B 142 -15.52 -9.70 -13.92
C GLU B 142 -14.75 -8.80 -14.91
N GLY B 143 -14.83 -7.49 -14.71
CA GLY B 143 -14.22 -6.55 -15.64
C GLY B 143 -12.80 -6.15 -15.32
N VAL B 144 -12.20 -6.80 -14.32
CA VAL B 144 -10.84 -6.44 -13.91
C VAL B 144 -9.81 -6.84 -14.95
N ASP B 145 -8.95 -5.91 -15.31
CA ASP B 145 -7.90 -6.11 -16.30
C ASP B 145 -6.58 -6.44 -15.60
N LEU B 146 -6.11 -7.66 -15.81
CA LEU B 146 -4.93 -8.16 -15.10
C LEU B 146 -3.67 -8.00 -15.93
N PHE B 147 -3.82 -7.46 -17.13
CA PHE B 147 -2.70 -7.37 -18.07
C PHE B 147 -2.40 -5.93 -18.47
N SER B 148 -2.95 -4.98 -17.72
CA SER B 148 -2.66 -3.57 -17.98
C SER B 148 -1.24 -3.27 -17.55
N PRO B 149 -0.61 -2.26 -18.16
CA PRO B 149 0.74 -1.88 -17.72
C PRO B 149 0.78 -1.56 -16.23
N GLN B 150 -0.26 -0.90 -15.72
CA GLN B 150 -0.30 -0.50 -14.32
C GLN B 150 -0.31 -1.69 -13.35
N VAL B 151 -1.13 -2.71 -13.63
CA VAL B 151 -1.20 -3.87 -12.74
C VAL B 151 0.10 -4.67 -12.80
N ILE B 152 0.67 -4.77 -14.00
CA ILE B 152 1.93 -5.48 -14.16
C ILE B 152 3.02 -4.76 -13.37
N ARG B 153 3.05 -3.44 -13.51
CA ARG B 153 4.03 -2.62 -12.80
C ARG B 153 3.84 -2.69 -11.29
N ASN B 154 2.63 -2.40 -10.83
CA ASN B 154 2.36 -2.32 -9.39
C ASN B 154 2.44 -3.66 -8.64
N SER B 155 2.32 -4.76 -9.37
CA SER B 155 2.45 -6.08 -8.76
C SER B 155 3.90 -6.59 -8.89
N THR B 156 4.76 -5.78 -9.48
CA THR B 156 6.11 -6.18 -9.88
C THR B 156 6.12 -7.52 -10.61
N GLY B 157 5.09 -7.77 -11.41
CA GLY B 157 5.00 -9.01 -12.17
C GLY B 157 4.48 -10.20 -11.39
N ALA B 158 4.08 -10.00 -10.15
CA ALA B 158 3.53 -11.09 -9.34
C ALA B 158 2.21 -11.60 -9.91
N VAL B 159 1.53 -10.76 -10.70
CA VAL B 159 0.28 -11.14 -11.32
C VAL B 159 0.43 -12.41 -12.18
N PHE B 160 1.61 -12.62 -12.77
CA PHE B 160 1.77 -13.68 -13.76
C PHE B 160 1.73 -15.12 -13.22
N ALA B 161 2.36 -15.36 -12.08
CA ALA B 161 2.39 -16.71 -11.52
C ALA B 161 1.17 -16.98 -10.62
N LEU B 162 0.55 -15.92 -10.12
CA LEU B 162 -0.57 -16.04 -9.20
C LEU B 162 -1.80 -16.64 -9.88
N PRO B 163 -2.51 -17.54 -9.19
CA PRO B 163 -3.79 -18.07 -9.66
C PRO B 163 -4.92 -17.05 -9.49
N VAL B 164 -5.00 -16.09 -10.40
CA VAL B 164 -5.97 -15.02 -10.24
C VAL B 164 -6.88 -14.95 -11.46
N TYR B 165 -8.18 -14.86 -11.20
CA TYR B 165 -9.21 -14.94 -12.22
C TYR B 165 -10.29 -13.87 -12.04
N PRO B 166 -10.56 -13.11 -13.12
CA PRO B 166 -11.73 -12.23 -13.15
C PRO B 166 -12.99 -13.07 -13.36
N VAL B 167 -13.95 -12.98 -12.46
CA VAL B 167 -15.18 -13.76 -12.58
C VAL B 167 -16.39 -13.00 -12.08
N ALA B 168 -17.54 -13.24 -12.70
CA ALA B 168 -18.80 -12.67 -12.23
C ALA B 168 -19.11 -13.22 -10.84
N GLU B 169 -19.83 -12.44 -10.04
CA GLU B 169 -20.09 -12.86 -8.66
C GLU B 169 -20.87 -14.17 -8.62
N GLY B 170 -21.79 -14.35 -9.56
CA GLY B 170 -22.61 -15.55 -9.60
C GLY B 170 -21.76 -16.79 -9.80
N GLU B 171 -20.88 -16.74 -10.80
CA GLU B 171 -19.95 -17.83 -11.07
C GLU B 171 -19.02 -18.09 -9.88
N ALA B 172 -18.54 -17.02 -9.26
CA ALA B 172 -17.66 -17.14 -8.11
C ALA B 172 -18.36 -17.87 -6.97
N ALA B 173 -19.59 -17.44 -6.67
CA ALA B 173 -20.40 -18.05 -5.62
C ALA B 173 -20.60 -19.54 -5.84
N ARG B 174 -20.88 -19.92 -7.08
CA ARG B 174 -21.14 -21.32 -7.39
C ARG B 174 -19.86 -22.14 -7.31
N PHE B 175 -18.75 -21.56 -7.76
CA PHE B 175 -17.45 -22.22 -7.66
C PHE B 175 -17.07 -22.48 -6.20
N LEU B 176 -17.21 -21.46 -5.35
CA LEU B 176 -16.85 -21.61 -3.94
C LEU B 176 -17.76 -22.60 -3.24
N GLU B 177 -19.04 -22.59 -3.62
CA GLU B 177 -20.01 -23.49 -3.00
C GLU B 177 -19.61 -24.95 -3.19
N GLU B 178 -18.94 -25.26 -4.29
CA GLU B 178 -18.54 -26.65 -4.56
C GLU B 178 -17.53 -27.18 -3.55
N HIS B 179 -16.84 -26.30 -2.86
CA HIS B 179 -15.82 -26.70 -1.89
C HIS B 179 -16.31 -26.62 -0.45
N ASN B 180 -15.86 -27.56 0.37
CA ASN B 180 -16.15 -27.48 1.80
C ASN B 180 -15.25 -26.44 2.46
N LEU B 181 -15.55 -25.17 2.19
CA LEU B 181 -14.72 -24.05 2.60
C LEU B 181 -15.59 -22.98 3.25
N PRO B 182 -15.17 -22.47 4.40
CA PRO B 182 -15.97 -21.41 5.03
C PRO B 182 -15.79 -20.08 4.31
N LEU B 183 -16.89 -19.36 4.08
CA LEU B 183 -16.81 -17.98 3.63
C LEU B 183 -16.64 -17.08 4.85
N VAL B 184 -15.56 -16.31 4.86
CA VAL B 184 -15.28 -15.41 5.96
C VAL B 184 -15.22 -13.97 5.44
N ALA B 185 -16.18 -13.16 5.85
CA ALA B 185 -16.26 -11.78 5.37
C ALA B 185 -15.44 -10.84 6.24
N ALA B 186 -14.56 -10.07 5.61
CA ALA B 186 -13.80 -9.06 6.33
C ALA B 186 -14.58 -7.76 6.33
N THR B 187 -14.75 -7.18 7.51
CA THR B 187 -15.39 -5.87 7.63
C THR B 187 -15.08 -5.27 8.98
N PRO B 188 -14.86 -3.95 9.05
CA PRO B 188 -14.52 -3.34 10.33
C PRO B 188 -15.65 -3.51 11.34
N GLU B 189 -16.85 -3.81 10.86
CA GLU B 189 -18.01 -4.02 11.71
C GLU B 189 -18.19 -5.48 12.12
N GLY B 190 -17.23 -6.34 11.73
CA GLY B 190 -17.32 -7.76 12.01
C GLY B 190 -17.43 -8.09 13.49
N GLU B 191 -18.23 -9.10 13.80
CA GLU B 191 -18.53 -9.49 15.18
C GLU B 191 -17.37 -10.19 15.89
N ARG B 192 -16.51 -10.85 15.11
CA ARG B 192 -15.36 -11.54 15.68
C ARG B 192 -14.05 -10.88 15.24
N LEU B 193 -13.01 -10.97 16.07
CA LEU B 193 -11.67 -10.60 15.63
C LEU B 193 -11.20 -11.59 14.56
N TYR B 194 -10.39 -11.15 13.62
CA TYR B 194 -10.01 -12.05 12.53
C TYR B 194 -9.14 -13.20 13.06
N TRP B 195 -8.49 -12.97 14.20
CA TRP B 195 -7.70 -14.02 14.83
C TRP B 195 -8.55 -15.16 15.37
N GLU B 196 -9.84 -14.89 15.60
CA GLU B 196 -10.73 -15.90 16.18
C GLU B 196 -11.28 -16.89 15.16
N GLY B 197 -11.20 -16.55 13.87
CA GLY B 197 -11.66 -17.46 12.83
C GLY B 197 -10.79 -18.70 12.79
N ASP B 198 -11.34 -19.82 12.35
CA ASP B 198 -10.55 -21.05 12.23
C ASP B 198 -10.27 -21.30 10.75
N TYR B 199 -9.03 -21.05 10.34
CA TYR B 199 -8.63 -21.14 8.94
C TYR B 199 -7.82 -22.38 8.68
N ARG B 200 -7.73 -23.27 9.67
CA ARG B 200 -6.82 -24.42 9.58
C ARG B 200 -7.20 -25.40 8.47
N GLY B 201 -8.48 -25.44 8.10
CA GLY B 201 -8.89 -26.29 7.00
C GLY B 201 -9.10 -25.53 5.70
N GLY B 202 -8.56 -24.32 5.63
CA GLY B 202 -8.76 -23.47 4.46
C GLY B 202 -9.80 -22.40 4.71
N VAL B 203 -9.83 -21.38 3.86
CA VAL B 203 -10.74 -20.27 4.04
C VAL B 203 -10.87 -19.50 2.73
N ALA B 204 -12.06 -19.00 2.47
CA ALA B 204 -12.25 -18.02 1.40
C ALA B 204 -12.60 -16.70 2.04
N PHE B 205 -11.64 -15.77 2.07
CA PHE B 205 -11.90 -14.43 2.58
C PHE B 205 -12.68 -13.61 1.58
N LEU B 206 -13.70 -12.90 2.06
CA LEU B 206 -14.48 -11.96 1.27
C LEU B 206 -14.05 -10.54 1.61
N LEU B 207 -13.53 -9.83 0.63
CA LEU B 207 -12.97 -8.49 0.86
C LEU B 207 -13.47 -7.53 -0.21
N GLY B 208 -14.11 -6.43 0.20
CA GLY B 208 -14.58 -5.46 -0.76
C GLY B 208 -13.48 -4.52 -1.24
N ALA B 209 -13.57 -4.12 -2.51
CA ALA B 209 -12.65 -3.13 -3.07
C ALA B 209 -12.79 -1.79 -2.33
N GLU B 210 -11.73 -0.99 -2.37
CA GLU B 210 -11.61 0.23 -1.57
C GLU B 210 -12.84 1.15 -1.56
N ASP B 211 -13.37 1.46 -2.73
CA ASP B 211 -14.44 2.45 -2.76
C ASP B 211 -15.82 1.82 -2.74
N LYS B 212 -15.87 0.52 -2.93
CA LYS B 212 -17.14 -0.19 -3.00
C LYS B 212 -17.51 -0.79 -1.64
N GLY B 213 -16.51 -1.35 -0.96
CA GLY B 213 -16.73 -2.01 0.32
C GLY B 213 -17.40 -3.36 0.13
N LEU B 214 -17.62 -4.06 1.23
CA LEU B 214 -18.24 -5.37 1.17
C LEU B 214 -19.75 -5.26 0.91
N PRO B 215 -20.23 -5.90 -0.15
CA PRO B 215 -21.66 -5.91 -0.50
C PRO B 215 -22.49 -6.56 0.60
N GLU B 216 -23.66 -6.01 0.91
CA GLU B 216 -24.43 -6.55 2.03
C GLU B 216 -24.79 -8.03 1.82
N ALA B 217 -25.07 -8.41 0.58
CA ALA B 217 -25.44 -9.79 0.27
C ALA B 217 -24.34 -10.77 0.66
N TRP B 218 -23.09 -10.41 0.35
CA TRP B 218 -21.97 -11.27 0.69
C TRP B 218 -21.72 -11.30 2.21
N LYS B 219 -21.87 -10.15 2.85
CA LYS B 219 -21.72 -10.06 4.30
C LYS B 219 -22.74 -10.96 5.00
N ARG B 220 -23.95 -10.96 4.47
CA ARG B 220 -25.07 -11.70 5.03
C ARG B 220 -24.85 -13.21 5.01
N ARG B 221 -24.42 -13.74 3.88
CA ARG B 221 -24.30 -15.19 3.71
C ARG B 221 -23.00 -15.77 4.28
N ALA B 222 -22.06 -14.92 4.67
CA ALA B 222 -20.80 -15.41 5.22
C ALA B 222 -21.05 -16.25 6.48
N GLN B 223 -20.18 -17.24 6.72
CA GLN B 223 -20.28 -18.07 7.91
C GLN B 223 -19.91 -17.26 9.15
N VAL B 224 -18.96 -16.34 8.98
CA VAL B 224 -18.58 -15.41 10.04
C VAL B 224 -18.15 -14.09 9.42
N ARG B 225 -18.34 -13.00 10.15
CA ARG B 225 -17.77 -11.71 9.75
C ARG B 225 -16.68 -11.34 10.75
N VAL B 226 -15.50 -11.03 10.25
CA VAL B 226 -14.38 -10.73 11.12
C VAL B 226 -13.86 -9.33 10.89
N ARG B 227 -13.35 -8.72 11.96
CA ARG B 227 -12.76 -7.40 11.86
C ARG B 227 -11.30 -7.48 12.22
N ILE B 228 -10.50 -6.61 11.62
CA ILE B 228 -9.17 -6.34 12.14
C ILE B 228 -9.34 -5.20 13.13
N PRO B 229 -8.82 -5.38 14.35
CA PRO B 229 -9.03 -4.37 15.40
C PRO B 229 -8.45 -3.02 15.03
N MET B 230 -9.16 -1.94 15.31
CA MET B 230 -8.65 -0.60 15.13
C MET B 230 -8.53 0.06 16.50
N ARG B 231 -7.32 0.44 16.87
CA ARG B 231 -7.05 0.89 18.24
C ARG B 231 -6.55 2.33 18.32
N GLY B 232 -6.71 3.07 17.23
CA GLY B 232 -6.32 4.46 17.18
C GLY B 232 -7.42 5.31 16.58
N ARG B 233 -7.06 6.36 15.88
CA ARG B 233 -8.04 7.32 15.37
C ARG B 233 -8.66 6.86 14.05
N ALA B 234 -7.89 6.12 13.26
CA ALA B 234 -8.36 5.66 11.96
C ALA B 234 -9.48 4.64 12.08
N ASP B 235 -10.45 4.72 11.17
CA ASP B 235 -11.61 3.83 11.28
C ASP B 235 -11.43 2.58 10.42
N SER B 236 -10.45 2.60 9.53
CA SER B 236 -10.22 1.46 8.64
C SER B 236 -8.81 1.45 8.06
N LEU B 237 -8.40 0.29 7.56
CA LEU B 237 -7.08 0.14 6.95
C LEU B 237 -7.21 0.17 5.43
N ASN B 238 -6.09 0.42 4.76
CA ASN B 238 -6.06 0.30 3.31
C ASN B 238 -6.39 -1.14 2.90
N VAL B 239 -7.04 -1.30 1.74
CA VAL B 239 -7.56 -2.60 1.34
C VAL B 239 -6.44 -3.65 1.16
N ALA B 240 -5.27 -3.21 0.70
CA ALA B 240 -4.18 -4.14 0.47
C ALA B 240 -3.54 -4.59 1.78
N VAL B 241 -3.43 -3.66 2.72
CA VAL B 241 -2.95 -3.97 4.05
C VAL B 241 -3.91 -4.96 4.71
N THR B 242 -5.21 -4.73 4.55
CA THR B 242 -6.23 -5.64 5.06
C THR B 242 -6.07 -7.04 4.47
N ALA B 243 -5.90 -7.10 3.15
CA ALA B 243 -5.71 -8.37 2.47
C ALA B 243 -4.49 -9.12 3.02
N ALA B 244 -3.38 -8.42 3.19
CA ALA B 244 -2.16 -9.06 3.73
C ALA B 244 -2.37 -9.61 5.13
N LEU B 245 -2.99 -8.81 6.00
CA LEU B 245 -3.20 -9.22 7.38
C LEU B 245 -4.04 -10.49 7.44
N LEU B 246 -5.09 -10.55 6.62
CA LEU B 246 -5.96 -11.72 6.60
C LEU B 246 -5.22 -12.97 6.11
N LEU B 247 -4.51 -12.82 4.99
CA LEU B 247 -3.83 -13.96 4.39
C LEU B 247 -2.72 -14.50 5.28
N TYR B 248 -1.99 -13.60 5.93
CA TYR B 248 -0.90 -14.03 6.78
C TYR B 248 -1.41 -14.62 8.10
N GLU B 249 -2.61 -14.21 8.52
CA GLU B 249 -3.21 -14.87 9.68
C GLU B 249 -3.60 -16.30 9.31
N ALA B 250 -4.16 -16.52 8.12
CA ALA B 250 -4.44 -17.89 7.69
C ALA B 250 -3.15 -18.69 7.57
N LEU B 251 -2.10 -18.04 7.07
CA LEU B 251 -0.80 -18.69 6.96
C LEU B 251 -0.26 -19.07 8.34
N ARG B 252 -0.43 -18.18 9.32
CA ARG B 252 0.03 -18.45 10.68
C ARG B 252 -0.66 -19.72 11.23
N GLN B 253 -1.95 -19.85 10.99
CA GLN B 253 -2.68 -21.02 11.46
C GLN B 253 -2.29 -22.29 10.70
N ARG B 254 -2.04 -22.15 9.40
CA ARG B 254 -1.57 -23.28 8.60
C ARG B 254 -0.21 -23.75 9.12
N SER B 255 0.53 -22.83 9.71
CA SER B 255 1.88 -23.10 10.18
C SER B 255 1.90 -23.62 11.61
N GLY B 256 0.71 -23.78 12.19
CA GLY B 256 0.58 -24.37 13.51
C GLY B 256 0.08 -23.42 14.58
N GLY B 257 -0.19 -22.16 14.21
CA GLY B 257 -0.76 -21.21 15.16
C GLY B 257 -2.20 -21.54 15.51
N ALA B 258 -2.56 -21.32 16.77
CA ALA B 258 -3.92 -21.59 17.22
C ALA B 258 -4.83 -20.40 16.97
N PRO B 259 -6.08 -20.64 16.59
CA PRO B 259 -7.03 -19.52 16.54
C PRO B 259 -7.15 -18.88 17.92
N LEU B 260 -7.44 -17.60 17.97
CA LEU B 260 -7.58 -16.91 19.25
C LEU B 260 -8.91 -17.27 19.92
O5' ADN C . 11.85 -3.36 1.68
C5' ADN C . 10.84 -2.72 2.46
C4' ADN C . 11.13 -2.85 3.94
O4' ADN C . 10.35 -3.96 4.47
C3' ADN C . 12.57 -3.12 4.31
O3' ADN C . 12.84 -2.59 5.60
C2' ADN C . 12.62 -4.64 4.38
O2' ADN C . 13.66 -5.16 5.17
C1' ADN C . 11.24 -4.97 4.96
N9 ADN C . 10.73 -6.27 4.54
C8 ADN C . 10.20 -6.53 3.35
N7 ADN C . 9.84 -7.83 3.30
C5 ADN C . 10.15 -8.40 4.48
C6 ADN C . 10.01 -9.71 5.02
N6 ADN C . 9.41 -10.78 4.18
N1 ADN C . 10.42 -9.94 6.25
C2 ADN C . 10.95 -8.97 7.00
N3 ADN C . 11.10 -7.74 6.51
C4 ADN C . 10.72 -7.42 5.28
O5' ADN D . -11.76 -0.17 2.84
C5' ADN D . -10.88 -1.10 2.24
C4' ADN D . -11.37 -2.52 2.40
O4' ADN D . -10.72 -3.11 3.57
C3' ADN D . -12.87 -2.67 2.62
O3' ADN D . -13.31 -3.90 2.03
C2' ADN D . -12.98 -2.78 4.14
O2' ADN D . -14.15 -3.45 4.59
C1' ADN D . -11.70 -3.52 4.50
N9 ADN D . -11.21 -3.18 5.83
C8 ADN D . -10.58 -2.06 6.15
N7 ADN D . -10.28 -2.08 7.46
C5 ADN D . -10.73 -3.23 7.97
C6 ADN D . -10.73 -3.83 9.26
N6 ADN D . -10.11 -3.12 10.40
N1 ADN D . -11.28 -5.01 9.42
C2 ADN D . -11.85 -5.67 8.41
N3 ADN D . -11.87 -5.15 7.19
C4 ADN D . -11.33 -3.94 6.95
P PO4 E . -30.44 -13.38 0.66
O1 PO4 E . -30.22 -14.23 -0.57
O2 PO4 E . -30.69 -11.94 0.28
O3 PO4 E . -31.63 -13.91 1.43
O4 PO4 E . -29.22 -13.50 1.53
K K F . -8.50 -10.67 -31.35
#